data_9K3C
#
_entry.id   9K3C
#
_cell.length_a   68.821
_cell.length_b   88.511
_cell.length_c   95.117
_cell.angle_alpha   90.00
_cell.angle_beta   90.00
_cell.angle_gamma   90.00
#
_symmetry.space_group_name_H-M   'P 21 21 21'
#
loop_
_entity.id
_entity.type
_entity.pdbx_description
1 polymer 'Cysteate synthase'
2 non-polymer 'CITRIC ACID'
3 non-polymer "PYRIDOXAL-5'-PHOSPHATE"
4 water water
#
_entity_poly.entity_id   1
_entity_poly.type   'polypeptide(L)'
_entity_poly.pdbx_seq_one_letter_code
;MKDFTPTPYTLECVATGREFEDTGWMLADPQCKTPSLVRAKYARRQLEVKPDEYGFYKFCDWLPVRRMLKGSSAPVTYKS
KGLARHLGLENLYITFNGYYPAIGATMSTCSFKETEAFSVCARAAEDEERVLVVASAGNTARAFAKVCSDNHIKLLLSVP
YDNIEALWFEHPLNPCVKLISCEKGGDYFDAIHLSDIALKGPGFYAEGGAKNIARRDGMATTVLSAVTTIGRIPDYYFQA
VGSGTGAIAAWEANMRLIEDGRFGSNTMKLMVSQNAPFVPMYDAWQAGSRKMLAYEDDKARRDAEIIDAKVLSNRRPPYG
ITGGLYDALKATGGEFFVATNAMARKARKLFKELEGVDIYSASGVALASLVNAVAAGKIEKDAVVMLNITGGGEEHFKED
KELWYLKPSHVFPLEPDTDDVVAKVEALFAKNIAE
;
_entity_poly.pdbx_strand_id   A
#
loop_
_chem_comp.id
_chem_comp.type
_chem_comp.name
_chem_comp.formula
CIT non-polymer 'CITRIC ACID' 'C6 H8 O7'
PLP non-polymer PYRIDOXAL-5'-PHOSPHATE 'C8 H10 N O6 P'
#
# COMPACT_ATOMS: atom_id res chain seq x y z
N MET A 1 -15.77 20.58 -10.10
CA MET A 1 -15.48 19.21 -10.52
C MET A 1 -16.53 18.69 -11.53
N LYS A 2 -16.13 17.70 -12.33
CA LYS A 2 -16.90 17.28 -13.49
C LYS A 2 -18.07 16.37 -13.09
N ASP A 3 -19.03 16.27 -14.02
CA ASP A 3 -20.12 15.32 -13.87
C ASP A 3 -19.55 13.91 -13.77
N PHE A 4 -19.53 13.40 -12.55
CA PHE A 4 -18.87 12.16 -12.19
C PHE A 4 -19.91 11.12 -11.83
N THR A 5 -19.79 9.95 -12.37
CA THR A 5 -20.69 8.84 -12.05
C THR A 5 -19.97 7.87 -11.14
N PRO A 6 -20.57 7.50 -10.00
CA PRO A 6 -19.95 6.46 -9.15
C PRO A 6 -19.64 5.22 -9.97
N THR A 7 -18.48 4.62 -9.68
CA THR A 7 -17.97 3.55 -10.51
C THR A 7 -18.87 2.32 -10.42
N PRO A 8 -19.34 1.79 -11.54
CA PRO A 8 -20.12 0.54 -11.51
C PRO A 8 -19.23 -0.67 -11.31
N TYR A 9 -19.60 -1.52 -10.37
CA TYR A 9 -18.89 -2.77 -10.14
C TYR A 9 -19.77 -3.66 -9.30
N THR A 10 -19.48 -4.94 -9.37
CA THR A 10 -19.97 -5.94 -8.43
C THR A 10 -18.79 -6.62 -7.76
N LEU A 11 -19.08 -7.47 -6.79
CA LEU A 11 -18.04 -8.14 -6.03
C LEU A 11 -18.06 -9.64 -6.34
N GLU A 12 -16.88 -10.23 -6.23
CA GLU A 12 -16.68 -11.64 -6.51
C GLU A 12 -15.83 -12.22 -5.40
N CYS A 13 -16.30 -13.30 -4.81
CA CYS A 13 -15.48 -14.06 -3.87
C CYS A 13 -14.37 -14.81 -4.63
N VAL A 14 -13.11 -14.55 -4.29
CA VAL A 14 -12.05 -15.20 -5.07
C VAL A 14 -12.08 -16.71 -4.89
N ALA A 15 -12.43 -17.18 -3.68
CA ALA A 15 -12.42 -18.61 -3.42
C ALA A 15 -13.40 -19.36 -4.32
N THR A 16 -14.64 -18.90 -4.40
CA THR A 16 -15.66 -19.62 -5.15
C THR A 16 -15.85 -19.01 -6.54
N GLY A 17 -16.25 -17.76 -6.60
CA GLY A 17 -16.44 -17.08 -7.87
C GLY A 17 -17.81 -16.45 -7.82
N ARG A 18 -18.43 -16.60 -6.64
CA ARG A 18 -19.75 -16.08 -6.39
C ARG A 18 -19.73 -14.57 -6.62
N GLU A 19 -20.72 -14.10 -7.35
CA GLU A 19 -20.80 -12.70 -7.71
C GLU A 19 -22.00 -12.09 -7.03
N PHE A 20 -21.84 -10.88 -6.53
CA PHE A 20 -22.89 -10.32 -5.71
C PHE A 20 -22.64 -8.83 -5.57
N GLU A 21 -23.71 -8.12 -5.24
CA GLU A 21 -23.66 -6.67 -5.11
C GLU A 21 -22.93 -6.28 -3.82
N ASP A 22 -22.17 -5.20 -3.91
CA ASP A 22 -21.58 -4.60 -2.70
C ASP A 22 -22.68 -3.83 -1.99
N THR A 23 -23.09 -4.31 -0.81
CA THR A 23 -24.01 -3.55 0.02
C THR A 23 -23.37 -2.33 0.65
N GLY A 24 -22.07 -2.09 0.45
CA GLY A 24 -21.47 -0.83 0.84
C GLY A 24 -19.98 -0.91 1.14
N TRP A 25 -19.68 -1.68 2.18
CA TRP A 25 -18.35 -1.82 2.74
C TRP A 25 -18.02 -3.29 2.93
N MET A 26 -18.48 -4.14 2.03
CA MET A 26 -18.18 -5.55 2.18
C MET A 26 -16.68 -5.79 2.06
N LEU A 27 -16.13 -6.49 3.05
CA LEU A 27 -14.72 -6.88 3.08
C LEU A 27 -14.52 -8.38 2.92
N ALA A 28 -15.61 -9.15 2.91
CA ALA A 28 -15.57 -10.58 2.66
C ALA A 28 -16.92 -10.97 2.09
N ASP A 29 -16.97 -12.13 1.49
CA ASP A 29 -18.24 -12.72 1.10
C ASP A 29 -18.77 -13.51 2.29
N PRO A 30 -19.88 -13.08 2.88
CA PRO A 30 -20.39 -13.77 4.07
C PRO A 30 -20.83 -15.20 3.81
N GLN A 31 -21.09 -15.56 2.56
CA GLN A 31 -21.43 -16.95 2.24
C GLN A 31 -20.20 -17.84 2.13
N CYS A 32 -19.01 -17.31 2.29
CA CYS A 32 -17.80 -18.09 2.12
C CYS A 32 -17.16 -18.31 3.48
N LYS A 33 -16.91 -19.58 3.81
CA LYS A 33 -16.29 -19.89 5.11
C LYS A 33 -14.78 -19.75 5.03
N THR A 34 -14.15 -20.27 3.98
CA THR A 34 -12.70 -20.15 3.87
C THR A 34 -12.29 -18.67 3.88
N PRO A 35 -11.13 -18.36 4.46
CA PRO A 35 -10.57 -17.03 4.25
C PRO A 35 -10.36 -16.82 2.76
N SER A 36 -10.90 -15.72 2.25
CA SER A 36 -10.77 -15.37 0.85
C SER A 36 -10.95 -13.87 0.73
N LEU A 37 -10.15 -13.26 -0.14
CA LEU A 37 -10.43 -11.90 -0.54
C LEU A 37 -11.66 -11.87 -1.45
N VAL A 38 -12.34 -10.73 -1.46
CA VAL A 38 -13.27 -10.43 -2.54
C VAL A 38 -12.57 -9.47 -3.49
N ARG A 39 -13.01 -9.49 -4.74
CA ARG A 39 -12.40 -8.70 -5.79
C ARG A 39 -13.50 -7.97 -6.55
N ALA A 40 -13.24 -6.70 -6.86
CA ALA A 40 -14.17 -5.92 -7.66
C ALA A 40 -14.20 -6.40 -9.10
N LYS A 41 -15.39 -6.55 -9.64
CA LYS A 41 -15.58 -6.82 -11.05
C LYS A 41 -16.19 -5.55 -11.63
N TYR A 42 -15.43 -4.85 -12.47
CA TYR A 42 -15.83 -3.52 -12.90
C TYR A 42 -16.64 -3.62 -14.19
N ALA A 43 -17.71 -2.82 -14.25
CA ALA A 43 -18.56 -2.92 -15.42
C ALA A 43 -17.93 -2.26 -16.65
N ARG A 44 -17.00 -1.33 -16.46
CA ARG A 44 -16.29 -0.70 -17.57
C ARG A 44 -15.08 -1.58 -17.89
N ARG A 45 -15.27 -2.53 -18.80
CA ARG A 45 -14.22 -3.52 -19.04
C ARG A 45 -12.94 -2.89 -19.59
N GLN A 46 -13.04 -1.81 -20.34
CA GLN A 46 -11.87 -1.20 -20.94
C GLN A 46 -11.55 0.12 -20.25
N LEU A 47 -10.29 0.26 -19.83
CA LEU A 47 -9.86 1.43 -19.09
C LEU A 47 -9.87 2.66 -19.98
N GLU A 48 -10.46 3.74 -19.49
CA GLU A 48 -10.37 5.04 -20.15
C GLU A 48 -9.84 6.08 -19.16
N VAL A 49 -8.57 6.45 -19.30
CA VAL A 49 -7.97 7.38 -18.35
C VAL A 49 -8.58 8.77 -18.53
N LYS A 50 -9.08 9.33 -17.42
CA LYS A 50 -9.64 10.67 -17.44
C LYS A 50 -8.52 11.69 -17.59
N PRO A 51 -8.87 12.96 -17.79
CA PRO A 51 -7.84 14.00 -17.89
C PRO A 51 -7.14 14.23 -16.56
N ASP A 52 -5.99 14.91 -16.64
CA ASP A 52 -5.12 15.08 -15.49
C ASP A 52 -5.81 15.79 -14.33
N GLU A 53 -6.76 16.68 -14.62
CA GLU A 53 -7.47 17.37 -13.56
C GLU A 53 -8.02 16.40 -12.51
N TYR A 54 -8.29 15.17 -12.92
CA TYR A 54 -8.82 14.18 -11.98
C TYR A 54 -7.78 13.69 -10.97
N GLY A 55 -6.51 14.00 -11.16
CA GLY A 55 -5.49 13.52 -10.24
C GLY A 55 -5.53 12.01 -10.12
N PHE A 56 -5.52 11.52 -8.87
CA PHE A 56 -5.53 10.08 -8.65
C PHE A 56 -6.76 9.44 -9.28
N TYR A 57 -7.90 10.08 -9.16
CA TYR A 57 -9.12 9.55 -9.76
C TYR A 57 -9.10 9.54 -11.26
N LYS A 58 -8.02 9.87 -11.98
CA LYS A 58 -8.09 9.67 -13.43
C LYS A 58 -8.30 8.21 -13.78
N PHE A 59 -8.16 7.32 -12.80
CA PHE A 59 -8.29 5.88 -13.01
C PHE A 59 -9.60 5.34 -12.45
N CYS A 60 -10.60 6.20 -12.22
CA CYS A 60 -11.78 5.81 -11.47
C CYS A 60 -12.61 4.70 -12.14
N ASP A 61 -12.41 4.40 -13.42
CA ASP A 61 -13.13 3.28 -14.02
C ASP A 61 -12.92 2.00 -13.22
N TRP A 62 -11.75 1.86 -12.61
CA TRP A 62 -11.35 0.66 -11.89
C TRP A 62 -11.05 0.98 -10.44
N LEU A 63 -11.75 1.98 -9.87
CA LEU A 63 -11.72 2.29 -8.44
C LEU A 63 -13.15 2.26 -7.90
N PRO A 64 -13.35 1.71 -6.72
CA PRO A 64 -14.72 1.55 -6.19
C PRO A 64 -15.21 2.79 -5.44
N VAL A 65 -15.31 3.91 -6.16
CA VAL A 65 -15.49 5.20 -5.53
C VAL A 65 -16.90 5.74 -5.80
N ARG A 66 -17.47 6.37 -4.79
CA ARG A 66 -18.77 7.03 -4.91
C ARG A 66 -18.66 8.53 -5.15
N ARG A 67 -17.48 9.11 -4.92
CA ARG A 67 -17.25 10.53 -5.11
C ARG A 67 -15.78 10.72 -5.43
N MET A 68 -15.41 11.95 -5.74
CA MET A 68 -14.00 12.33 -5.80
C MET A 68 -13.70 13.30 -4.67
N LEU A 69 -12.46 13.30 -4.21
CA LEU A 69 -11.98 14.22 -3.20
C LEU A 69 -10.96 15.16 -3.82
N LYS A 70 -10.85 16.36 -3.27
CA LYS A 70 -9.96 17.38 -3.80
C LYS A 70 -8.51 17.04 -3.48
N GLY A 71 -7.61 17.44 -4.38
CA GLY A 71 -6.18 17.51 -4.07
C GLY A 71 -5.38 16.23 -4.21
N SER A 72 -5.86 15.26 -4.98
CA SER A 72 -5.15 13.99 -5.14
C SER A 72 -4.11 14.07 -6.26
N SER A 73 -3.16 13.14 -6.24
CA SER A 73 -2.13 13.04 -7.27
C SER A 73 -1.95 11.59 -7.67
N ALA A 74 -1.68 11.35 -8.94
CA ALA A 74 -1.53 9.99 -9.40
C ALA A 74 -0.06 9.57 -9.39
N PRO A 75 0.21 8.28 -9.30
CA PRO A 75 1.55 7.77 -9.59
C PRO A 75 2.07 8.35 -10.89
N VAL A 76 3.37 8.62 -10.93
CA VAL A 76 4.06 9.10 -12.13
C VAL A 76 5.00 7.98 -12.56
N THR A 77 4.95 7.64 -13.84
CA THR A 77 5.87 6.66 -14.42
C THR A 77 6.71 7.39 -15.46
N TYR A 78 8.02 7.12 -15.46
CA TYR A 78 8.93 7.67 -16.47
C TYR A 78 10.01 6.65 -16.80
N LYS A 79 10.61 6.84 -17.98
CA LYS A 79 11.68 5.95 -18.41
C LYS A 79 13.00 6.34 -17.75
N SER A 80 13.69 5.37 -17.17
CA SER A 80 14.91 5.68 -16.43
C SER A 80 16.08 5.91 -17.38
N LYS A 81 16.88 6.92 -17.08
CA LYS A 81 18.14 7.13 -17.79
C LYS A 81 19.33 6.82 -16.91
N GLY A 82 19.46 7.46 -15.75
CA GLY A 82 20.57 7.16 -14.87
C GLY A 82 20.63 5.71 -14.44
N LEU A 83 19.61 5.28 -13.68
CA LEU A 83 19.55 3.90 -13.18
C LEU A 83 19.67 2.87 -14.31
N ALA A 84 19.00 3.11 -15.43
CA ALA A 84 19.00 2.13 -16.52
C ALA A 84 20.42 1.92 -17.09
N ARG A 85 21.13 3.01 -17.34
CA ARG A 85 22.51 2.86 -17.79
C ARG A 85 23.36 2.18 -16.72
N HIS A 86 23.19 2.59 -15.47
CA HIS A 86 23.97 1.94 -14.43
C HIS A 86 23.78 0.43 -14.46
N LEU A 87 22.56 -0.04 -14.73
CA LEU A 87 22.23 -1.45 -14.72
C LEU A 87 22.31 -2.12 -16.09
N GLY A 88 22.61 -1.36 -17.15
CA GLY A 88 22.57 -1.95 -18.46
C GLY A 88 21.19 -2.42 -18.88
N LEU A 89 20.13 -1.79 -18.38
CA LEU A 89 18.77 -2.09 -18.80
C LEU A 89 18.33 -1.10 -19.87
N GLU A 90 17.69 -1.62 -20.91
CA GLU A 90 17.22 -0.78 -22.01
C GLU A 90 15.80 -0.30 -21.81
N ASN A 91 15.01 -0.95 -20.96
CA ASN A 91 13.59 -0.67 -20.84
C ASN A 91 13.17 -0.65 -19.37
N LEU A 92 13.87 0.15 -18.57
CA LEU A 92 13.60 0.26 -17.15
C LEU A 92 12.71 1.47 -16.89
N TYR A 93 11.52 1.22 -16.36
CA TYR A 93 10.57 2.28 -16.03
C TYR A 93 10.43 2.38 -14.51
N ILE A 94 10.44 3.61 -14.03
CA ILE A 94 10.28 3.94 -12.62
C ILE A 94 8.87 4.52 -12.45
N THR A 95 8.08 3.91 -11.58
CA THR A 95 6.80 4.45 -11.17
C THR A 95 6.98 5.07 -9.78
N PHE A 96 6.97 6.39 -9.71
CA PHE A 96 7.33 7.11 -8.50
C PHE A 96 6.09 7.57 -7.74
N ASN A 97 6.01 7.23 -6.45
CA ASN A 97 4.89 7.61 -5.61
C ASN A 97 5.43 8.43 -4.45
N GLY A 98 5.46 9.75 -4.62
CA GLY A 98 6.02 10.59 -3.58
C GLY A 98 6.10 12.03 -4.01
N TYR A 99 7.02 12.74 -3.39
CA TYR A 99 7.18 14.18 -3.62
C TYR A 99 8.41 14.40 -4.49
N TYR A 100 8.18 14.77 -5.73
CA TYR A 100 9.29 15.01 -6.63
C TYR A 100 8.77 15.90 -7.74
N PRO A 101 8.57 17.18 -7.43
CA PRO A 101 7.84 18.05 -8.37
C PRO A 101 8.44 18.08 -9.75
N ALA A 102 9.76 17.92 -9.86
CA ALA A 102 10.43 17.97 -11.16
C ALA A 102 9.84 17.00 -12.17
N ILE A 103 9.43 15.81 -11.72
CA ILE A 103 8.83 14.84 -12.61
C ILE A 103 7.30 14.86 -12.53
N GLY A 104 6.74 15.80 -11.80
CA GLY A 104 5.29 15.87 -11.65
C GLY A 104 4.72 15.02 -10.53
N ALA A 105 5.55 14.50 -9.62
CA ALA A 105 5.03 13.67 -8.53
C ALA A 105 4.74 14.57 -7.35
N THR A 106 3.46 14.65 -6.96
CA THR A 106 3.03 15.61 -5.95
C THR A 106 2.29 14.94 -4.79
N MET A 107 2.61 13.68 -4.48
CA MET A 107 2.10 13.03 -3.27
C MET A 107 2.86 13.56 -2.08
N SER A 108 2.31 14.62 -1.48
CA SER A 108 3.03 15.35 -0.43
C SER A 108 3.26 14.52 0.85
N THR A 109 2.47 13.47 1.09
CA THR A 109 2.82 12.59 2.21
C THR A 109 3.87 11.56 1.85
N CYS A 110 4.27 11.47 0.58
CA CYS A 110 5.50 10.83 0.16
C CYS A 110 5.44 9.32 0.09
N SER A 111 4.25 8.73 0.00
CA SER A 111 4.17 7.29 -0.24
C SER A 111 2.92 7.00 -1.04
N PHE A 112 2.91 5.84 -1.68
CA PHE A 112 1.73 5.47 -2.44
C PHE A 112 0.56 5.07 -1.55
N LYS A 113 0.69 5.16 -0.22
CA LYS A 113 -0.49 5.04 0.63
C LYS A 113 -1.53 6.10 0.32
N GLU A 114 -1.11 7.21 -0.30
CA GLU A 114 -2.07 8.20 -0.74
C GLU A 114 -3.09 7.59 -1.69
N THR A 115 -2.67 6.65 -2.53
CA THR A 115 -3.65 5.97 -3.37
C THR A 115 -4.64 5.20 -2.52
N GLU A 116 -4.15 4.52 -1.47
CA GLU A 116 -5.06 3.83 -0.56
C GLU A 116 -6.02 4.81 0.11
N ALA A 117 -5.48 5.90 0.63
CA ALA A 117 -6.29 6.87 1.35
C ALA A 117 -7.36 7.48 0.44
N PHE A 118 -6.95 8.00 -0.72
CA PHE A 118 -7.92 8.65 -1.58
C PHE A 118 -8.93 7.66 -2.14
N SER A 119 -8.52 6.41 -2.40
CA SER A 119 -9.48 5.46 -2.93
C SER A 119 -10.44 5.02 -1.84
N VAL A 120 -9.90 4.61 -0.68
CA VAL A 120 -10.75 4.12 0.41
C VAL A 120 -11.72 5.20 0.88
N CYS A 121 -11.21 6.41 1.11
CA CYS A 121 -12.10 7.46 1.61
C CYS A 121 -13.20 7.79 0.62
N ALA A 122 -12.94 7.57 -0.68
CA ALA A 122 -13.95 7.84 -1.71
C ALA A 122 -14.95 6.71 -1.85
N ARG A 123 -14.59 5.50 -1.43
CA ARG A 123 -15.54 4.40 -1.38
C ARG A 123 -16.60 4.60 -0.28
N ALA A 124 -16.22 5.22 0.83
CA ALA A 124 -17.13 5.38 1.96
C ALA A 124 -18.28 6.32 1.61
N ALA A 125 -19.38 6.11 2.32
CA ALA A 125 -20.50 7.04 2.26
C ALA A 125 -20.07 8.38 2.86
N GLU A 126 -20.56 9.47 2.28
CA GLU A 126 -20.26 10.75 2.87
C GLU A 126 -21.22 11.11 4.00
N ASP A 127 -22.34 10.38 4.13
CA ASP A 127 -23.21 10.42 5.30
C ASP A 127 -22.72 9.52 6.43
N GLU A 128 -21.59 8.85 6.25
CA GLU A 128 -21.13 7.84 7.20
C GLU A 128 -20.88 8.49 8.56
N GLU A 129 -21.57 7.99 9.58
CA GLU A 129 -21.40 8.51 10.93
C GLU A 129 -20.48 7.66 11.78
N ARG A 130 -20.01 6.52 11.30
CA ARG A 130 -19.10 5.73 12.10
C ARG A 130 -17.67 6.22 11.89
N VAL A 131 -16.86 6.06 12.94
CA VAL A 131 -15.45 6.43 12.88
C VAL A 131 -14.70 5.36 12.11
N LEU A 132 -13.97 5.77 11.06
CA LEU A 132 -13.10 4.84 10.34
C LEU A 132 -11.86 4.50 11.16
N VAL A 133 -11.48 3.23 11.14
CA VAL A 133 -10.40 2.71 11.99
C VAL A 133 -9.31 2.11 11.10
N VAL A 134 -8.09 2.59 11.26
CA VAL A 134 -6.98 2.24 10.41
C VAL A 134 -5.78 1.98 11.31
N ALA A 135 -5.14 0.83 11.12
CA ALA A 135 -3.88 0.52 11.78
C ALA A 135 -2.77 0.61 10.75
N SER A 136 -1.62 1.14 11.17
CA SER A 136 -0.55 1.40 10.22
C SER A 136 0.81 1.43 10.93
N ALA A 137 1.83 1.06 10.18
CA ALA A 137 3.21 1.23 10.62
C ALA A 137 3.67 2.67 10.50
N GLY A 138 2.94 3.51 9.76
CA GLY A 138 3.27 4.92 9.71
C GLY A 138 2.83 5.57 8.41
N ASN A 139 3.16 4.93 7.28
CA ASN A 139 2.86 5.55 5.99
C ASN A 139 1.36 5.56 5.70
N THR A 140 0.68 4.43 5.88
CA THR A 140 -0.77 4.46 5.70
C THR A 140 -1.41 5.48 6.63
N ALA A 141 -0.92 5.54 7.88
CA ALA A 141 -1.49 6.46 8.86
C ALA A 141 -1.35 7.91 8.39
N ARG A 142 -0.18 8.29 7.92
CA ARG A 142 0.03 9.66 7.49
C ARG A 142 -0.88 10.00 6.31
N ALA A 143 -1.10 9.04 5.41
CA ALA A 143 -2.00 9.29 4.27
C ALA A 143 -3.43 9.50 4.74
N PHE A 144 -3.99 8.54 5.49
CA PHE A 144 -5.38 8.70 5.91
C PHE A 144 -5.54 9.96 6.75
N ALA A 145 -4.58 10.24 7.63
CA ALA A 145 -4.64 11.43 8.49
C ALA A 145 -4.82 12.69 7.67
N LYS A 146 -3.99 12.87 6.64
CA LYS A 146 -4.11 14.05 5.79
C LYS A 146 -5.46 14.09 5.09
N VAL A 147 -5.79 13.03 4.36
CA VAL A 147 -7.03 13.02 3.60
C VAL A 147 -8.22 13.19 4.53
N CYS A 148 -8.21 12.51 5.67
CA CYS A 148 -9.39 12.53 6.53
C CYS A 148 -9.52 13.89 7.22
N SER A 149 -8.38 14.46 7.64
CA SER A 149 -8.39 15.81 8.19
C SER A 149 -8.88 16.81 7.15
N ASP A 150 -8.30 16.78 5.94
CA ASP A 150 -8.75 17.73 4.90
C ASP A 150 -10.26 17.63 4.67
N ASN A 151 -10.84 16.42 4.78
CA ASN A 151 -12.24 16.21 4.40
C ASN A 151 -13.15 15.98 5.60
N HIS A 152 -12.72 16.36 6.80
CA HIS A 152 -13.52 16.17 8.01
C HIS A 152 -14.19 14.80 8.09
N ILE A 153 -13.38 13.76 7.97
CA ILE A 153 -13.80 12.38 8.15
C ILE A 153 -13.24 11.87 9.47
N LYS A 154 -14.09 11.28 10.30
CA LYS A 154 -13.66 10.77 11.58
C LYS A 154 -12.80 9.53 11.39
N LEU A 155 -11.60 9.56 11.97
CA LEU A 155 -10.57 8.57 11.73
C LEU A 155 -9.83 8.29 13.02
N LEU A 156 -9.77 7.02 13.40
CA LEU A 156 -8.98 6.61 14.54
C LEU A 156 -7.81 5.81 14.01
N LEU A 157 -6.60 6.31 14.24
CA LEU A 157 -5.38 5.62 13.83
C LEU A 157 -4.82 4.85 15.00
N SER A 158 -4.30 3.67 14.71
CA SER A 158 -3.64 2.80 15.67
C SER A 158 -2.23 2.64 15.14
N VAL A 159 -1.29 3.37 15.72
CA VAL A 159 0.11 3.27 15.29
C VAL A 159 1.00 2.90 16.47
N PRO A 160 1.98 2.03 16.27
CA PRO A 160 2.89 1.71 17.37
C PRO A 160 3.71 2.93 17.77
N TYR A 161 3.80 3.15 19.07
CA TYR A 161 4.58 4.25 19.63
C TYR A 161 5.94 4.41 18.93
N ASP A 162 6.63 3.29 18.71
CA ASP A 162 7.94 3.36 18.10
C ASP A 162 7.92 3.96 16.70
N ASN A 163 6.74 4.06 16.07
CA ASN A 163 6.63 4.54 14.70
C ASN A 163 6.03 5.95 14.60
N ILE A 164 5.67 6.59 15.71
CA ILE A 164 4.86 7.81 15.62
C ILE A 164 5.59 8.98 14.99
N GLU A 165 6.91 8.91 14.86
CA GLU A 165 7.67 9.91 14.13
C GLU A 165 7.26 9.99 12.67
N ALA A 166 6.63 8.94 12.14
CA ALA A 166 6.13 8.97 10.79
C ALA A 166 4.94 9.90 10.62
N LEU A 167 4.34 10.36 11.72
CA LEU A 167 3.07 11.10 11.65
C LEU A 167 3.34 12.61 11.63
N TRP A 168 4.00 13.04 10.57
CA TRP A 168 4.38 14.43 10.39
C TRP A 168 3.49 15.07 9.32
N PHE A 169 3.33 16.39 9.44
CA PHE A 169 2.37 17.11 8.63
C PHE A 169 2.78 18.57 8.53
N GLU A 170 2.40 19.20 7.43
CA GLU A 170 2.75 20.60 7.21
C GLU A 170 1.96 21.53 8.13
N HIS A 171 0.79 21.13 8.60
CA HIS A 171 -0.12 21.99 9.35
C HIS A 171 -0.85 21.15 10.39
N PRO A 172 -1.32 21.79 11.46
CA PRO A 172 -2.08 21.03 12.46
C PRO A 172 -3.28 20.36 11.82
N LEU A 173 -3.61 19.16 12.30
CA LEU A 173 -4.69 18.38 11.72
C LEU A 173 -6.02 18.74 12.34
N ASN A 174 -7.08 18.34 11.66
CA ASN A 174 -8.41 18.47 12.22
C ASN A 174 -8.55 17.57 13.45
N PRO A 175 -9.36 17.96 14.42
CA PRO A 175 -9.57 17.10 15.60
C PRO A 175 -10.40 15.85 15.31
N CYS A 176 -10.89 15.69 14.09
CA CYS A 176 -11.57 14.47 13.68
C CYS A 176 -10.59 13.32 13.43
N VAL A 177 -9.29 13.57 13.49
CA VAL A 177 -8.27 12.54 13.38
C VAL A 177 -7.68 12.30 14.77
N LYS A 178 -7.95 11.13 15.34
CA LYS A 178 -7.42 10.75 16.65
C LYS A 178 -6.48 9.57 16.50
N LEU A 179 -5.55 9.44 17.44
CA LEU A 179 -4.52 8.40 17.37
C LEU A 179 -4.36 7.70 18.72
N ILE A 180 -4.27 6.37 18.69
CA ILE A 180 -3.86 5.59 19.85
C ILE A 180 -2.70 4.69 19.45
N SER A 181 -1.89 4.30 20.43
CA SER A 181 -0.65 3.58 20.16
C SER A 181 -0.55 2.38 21.08
N CYS A 182 0.06 1.33 20.56
CA CYS A 182 0.56 0.25 21.39
C CYS A 182 1.93 0.65 21.95
N GLU A 183 2.23 0.16 23.16
CA GLU A 183 3.34 0.72 23.92
C GLU A 183 4.66 0.54 23.18
N LYS A 184 5.67 1.24 23.67
CA LYS A 184 7.03 1.19 23.14
C LYS A 184 7.48 -0.27 23.15
N GLY A 185 7.88 -0.77 21.99
CA GLY A 185 8.34 -2.14 21.84
C GLY A 185 7.44 -2.98 20.95
N GLY A 186 6.14 -2.66 20.92
CA GLY A 186 5.24 -3.37 20.05
C GLY A 186 5.47 -3.01 18.58
N ASP A 187 4.95 -3.85 17.71
CA ASP A 187 5.13 -3.70 16.28
C ASP A 187 3.76 -3.51 15.63
N TYR A 188 3.74 -3.54 14.31
CA TYR A 188 2.53 -3.19 13.58
C TYR A 188 1.39 -4.15 13.89
N PHE A 189 1.66 -5.45 13.98
CA PHE A 189 0.58 -6.38 14.26
C PHE A 189 0.00 -6.14 15.66
N ASP A 190 0.82 -5.71 16.62
CA ASP A 190 0.29 -5.30 17.90
C ASP A 190 -0.68 -4.13 17.73
N ALA A 191 -0.34 -3.19 16.84
CA ALA A 191 -1.26 -2.09 16.56
C ALA A 191 -2.54 -2.60 15.90
N ILE A 192 -2.45 -3.60 15.02
CA ILE A 192 -3.66 -4.21 14.48
C ILE A 192 -4.54 -4.69 15.62
N HIS A 193 -3.93 -5.37 16.58
CA HIS A 193 -4.69 -5.97 17.68
C HIS A 193 -5.37 -4.91 18.53
N LEU A 194 -4.67 -3.83 18.86
CA LEU A 194 -5.31 -2.72 19.53
C LEU A 194 -6.51 -2.21 18.73
N SER A 195 -6.37 -2.13 17.40
CA SER A 195 -7.46 -1.61 16.58
C SER A 195 -8.62 -2.59 16.50
N ASP A 196 -8.35 -3.90 16.53
CA ASP A 196 -9.42 -4.89 16.62
C ASP A 196 -10.12 -4.84 17.97
N ILE A 197 -9.41 -4.49 19.03
CA ILE A 197 -10.10 -4.29 20.31
C ILE A 197 -11.00 -3.07 20.23
N ALA A 198 -10.47 -1.95 19.73
CA ALA A 198 -11.27 -0.74 19.60
C ALA A 198 -12.48 -0.98 18.72
N LEU A 199 -12.32 -1.80 17.68
CA LEU A 199 -13.44 -2.08 16.80
C LEU A 199 -14.57 -2.80 17.52
N LYS A 200 -14.32 -3.36 18.70
CA LYS A 200 -15.40 -3.97 19.46
C LYS A 200 -16.39 -2.94 19.97
N GLY A 201 -16.11 -1.66 19.78
CA GLY A 201 -16.97 -0.61 20.24
C GLY A 201 -17.97 -0.22 19.19
N PRO A 202 -19.18 0.12 19.64
CA PRO A 202 -20.18 0.67 18.73
C PRO A 202 -19.69 1.98 18.16
N GLY A 203 -20.04 2.23 16.90
CA GLY A 203 -19.67 3.47 16.24
C GLY A 203 -18.33 3.46 15.56
N PHE A 204 -17.77 2.29 15.29
CA PHE A 204 -16.45 2.20 14.67
C PHE A 204 -16.48 1.11 13.60
N TYR A 205 -15.91 1.40 12.45
CA TYR A 205 -15.76 0.35 11.46
C TYR A 205 -14.35 0.36 10.89
N ALA A 206 -13.98 -0.80 10.33
CA ALA A 206 -12.62 -1.13 9.93
C ALA A 206 -12.36 -0.80 8.46
N GLU A 207 -11.20 -0.20 8.20
CA GLU A 207 -10.75 -0.06 6.82
C GLU A 207 -10.52 -1.43 6.20
N GLY A 208 -10.01 -2.37 6.98
CA GLY A 208 -9.86 -3.71 6.53
C GLY A 208 -8.56 -4.06 5.83
N GLY A 209 -7.63 -3.13 5.69
CA GLY A 209 -6.36 -3.49 5.08
C GLY A 209 -6.54 -4.05 3.68
N ALA A 210 -5.83 -5.14 3.39
CA ALA A 210 -5.87 -5.70 2.06
C ALA A 210 -7.24 -6.27 1.70
N LYS A 211 -8.14 -6.43 2.66
CA LYS A 211 -9.48 -6.92 2.36
C LYS A 211 -10.33 -5.85 1.69
N ASN A 212 -9.90 -4.60 1.77
CA ASN A 212 -10.64 -3.49 1.20
C ASN A 212 -10.27 -3.31 -0.27
N ILE A 213 -11.22 -3.54 -1.17
CA ILE A 213 -10.92 -3.46 -2.61
C ILE A 213 -10.48 -2.05 -2.98
N ALA A 214 -10.90 -1.04 -2.22
CA ALA A 214 -10.42 0.32 -2.49
C ALA A 214 -8.93 0.42 -2.26
N ARG A 215 -8.42 -0.24 -1.21
CA ARG A 215 -6.99 -0.19 -0.95
C ARG A 215 -6.20 -0.87 -2.08
N ARG A 216 -6.65 -2.06 -2.49
CA ARG A 216 -5.93 -2.76 -3.55
C ARG A 216 -6.04 -2.01 -4.86
N ASP A 217 -7.26 -1.65 -5.28
CA ASP A 217 -7.43 -0.95 -6.55
C ASP A 217 -6.82 0.45 -6.50
N GLY A 218 -6.82 1.09 -5.34
CA GLY A 218 -5.99 2.28 -5.17
C GLY A 218 -4.53 2.01 -5.49
N MET A 219 -3.94 1.03 -4.81
CA MET A 219 -2.52 0.76 -5.03
C MET A 219 -2.24 0.35 -6.46
N ALA A 220 -3.18 -0.37 -7.10
CA ALA A 220 -2.97 -0.86 -8.46
C ALA A 220 -2.79 0.27 -9.47
N THR A 221 -3.12 1.51 -9.12
CA THR A 221 -2.94 2.61 -10.07
C THR A 221 -1.48 2.83 -10.41
N THR A 222 -0.54 2.36 -9.59
CA THR A 222 0.85 2.38 -10.02
C THR A 222 1.01 1.58 -11.31
N VAL A 223 0.39 0.39 -11.37
CA VAL A 223 0.51 -0.42 -12.58
C VAL A 223 -0.29 0.21 -13.71
N LEU A 224 -1.46 0.77 -13.41
CA LEU A 224 -2.22 1.44 -14.47
C LEU A 224 -1.42 2.59 -15.06
N SER A 225 -0.84 3.42 -14.20
CA SER A 225 0.03 4.50 -14.65
C SER A 225 1.16 3.98 -15.53
N ALA A 226 1.86 2.94 -15.05
CA ALA A 226 2.93 2.34 -15.83
C ALA A 226 2.43 1.86 -17.19
N VAL A 227 1.37 1.06 -17.21
CA VAL A 227 0.95 0.46 -18.47
C VAL A 227 0.48 1.53 -19.43
N THR A 228 -0.33 2.49 -18.94
CA THR A 228 -0.81 3.52 -19.86
C THR A 228 0.30 4.49 -20.27
N THR A 229 1.36 4.64 -19.47
CA THR A 229 2.50 5.42 -19.92
C THR A 229 3.36 4.64 -20.91
N ILE A 230 3.78 3.43 -20.55
CA ILE A 230 4.64 2.65 -21.43
C ILE A 230 3.90 2.25 -22.70
N GLY A 231 2.62 1.89 -22.58
CA GLY A 231 1.87 1.41 -23.72
C GLY A 231 1.81 -0.09 -23.84
N ARG A 232 2.29 -0.82 -22.84
CA ARG A 232 2.15 -2.27 -22.80
C ARG A 232 2.39 -2.73 -21.37
N ILE A 233 2.13 -4.00 -21.13
CA ILE A 233 2.30 -4.61 -19.82
C ILE A 233 3.76 -4.96 -19.59
N PRO A 234 4.37 -4.51 -18.50
CA PRO A 234 5.78 -4.83 -18.26
C PRO A 234 6.00 -6.33 -18.11
N ASP A 235 7.28 -6.72 -18.19
CA ASP A 235 7.62 -8.13 -17.93
C ASP A 235 7.89 -8.39 -16.47
N TYR A 236 8.42 -7.39 -15.76
CA TYR A 236 8.74 -7.56 -14.35
C TYR A 236 8.17 -6.38 -13.56
N TYR A 237 7.67 -6.70 -12.37
CA TYR A 237 7.18 -5.74 -11.41
C TYR A 237 7.99 -5.92 -10.12
N PHE A 238 8.75 -4.89 -9.73
CA PHE A 238 9.55 -4.90 -8.50
C PHE A 238 8.89 -4.03 -7.44
N GLN A 239 8.69 -4.59 -6.24
CA GLN A 239 8.14 -3.83 -5.14
C GLN A 239 8.54 -4.50 -3.83
N ALA A 240 9.10 -3.74 -2.91
CA ALA A 240 9.25 -4.23 -1.55
C ALA A 240 7.87 -4.43 -0.96
N VAL A 241 7.68 -5.49 -0.17
CA VAL A 241 6.36 -5.81 0.34
C VAL A 241 6.40 -6.01 1.85
N GLY A 242 5.41 -5.44 2.54
CA GLY A 242 5.18 -5.68 3.95
C GLY A 242 3.96 -6.55 4.16
N SER A 243 2.82 -6.11 3.65
CA SER A 243 1.65 -6.98 3.54
C SER A 243 1.54 -7.63 2.18
N GLY A 244 2.20 -7.07 1.15
CA GLY A 244 2.04 -7.52 -0.21
C GLY A 244 0.80 -7.02 -0.91
N THR A 245 0.05 -6.11 -0.29
CA THR A 245 -1.18 -5.64 -0.90
C THR A 245 -0.93 -5.07 -2.29
N GLY A 246 0.16 -4.32 -2.45
CA GLY A 246 0.43 -3.71 -3.75
C GLY A 246 0.82 -4.74 -4.78
N ALA A 247 1.43 -5.86 -4.35
CA ALA A 247 1.77 -6.94 -5.28
C ALA A 247 0.54 -7.73 -5.68
N ILE A 248 -0.33 -8.02 -4.72
CA ILE A 248 -1.64 -8.59 -5.06
C ILE A 248 -2.34 -7.67 -6.04
N ALA A 249 -2.33 -6.35 -5.75
CA ALA A 249 -3.00 -5.39 -6.61
C ALA A 249 -2.38 -5.36 -7.99
N ALA A 250 -1.05 -5.40 -8.07
CA ALA A 250 -0.43 -5.42 -9.39
C ALA A 250 -0.97 -6.57 -10.22
N TRP A 251 -0.94 -7.78 -9.66
CA TRP A 251 -1.52 -8.96 -10.31
C TRP A 251 -2.96 -8.69 -10.75
N GLU A 252 -3.78 -8.15 -9.85
CA GLU A 252 -5.17 -7.91 -10.19
C GLU A 252 -5.26 -6.89 -11.31
N ALA A 253 -4.39 -5.87 -11.27
CA ALA A 253 -4.35 -4.91 -12.37
C ALA A 253 -3.97 -5.59 -13.67
N ASN A 254 -2.98 -6.49 -13.62
CA ASN A 254 -2.58 -7.22 -14.81
C ASN A 254 -3.76 -7.98 -15.41
N MET A 255 -4.50 -8.71 -14.58
CA MET A 255 -5.65 -9.44 -15.09
C MET A 255 -6.65 -8.50 -15.75
N ARG A 256 -6.94 -7.36 -15.13
CA ARG A 256 -7.92 -6.47 -15.74
C ARG A 256 -7.41 -5.94 -17.07
N LEU A 257 -6.12 -5.60 -17.13
CA LEU A 257 -5.56 -5.14 -18.41
C LEU A 257 -5.67 -6.22 -19.47
N ILE A 258 -5.44 -7.49 -19.09
CA ILE A 258 -5.54 -8.58 -20.08
C ILE A 258 -6.97 -8.71 -20.58
N GLU A 259 -7.95 -8.69 -19.66
CA GLU A 259 -9.35 -8.65 -20.08
C GLU A 259 -9.64 -7.44 -20.94
N ASP A 260 -8.90 -6.34 -20.74
CA ASP A 260 -9.07 -5.17 -21.59
C ASP A 260 -8.59 -5.44 -23.03
N GLY A 261 -7.49 -6.16 -23.16
CA GLY A 261 -6.98 -6.59 -24.46
C GLY A 261 -6.08 -5.61 -25.20
N ARG A 262 -6.28 -4.32 -25.03
CA ARG A 262 -5.59 -3.40 -25.92
C ARG A 262 -4.11 -3.22 -25.60
N PHE A 263 -3.58 -3.87 -24.58
CA PHE A 263 -2.20 -3.65 -24.15
C PHE A 263 -1.37 -4.91 -24.17
N GLY A 264 -1.84 -5.95 -24.83
CA GLY A 264 -1.17 -7.23 -24.82
C GLY A 264 -1.85 -8.17 -23.84
N SER A 265 -1.25 -9.32 -23.67
CA SER A 265 -1.87 -10.35 -22.84
C SER A 265 -0.86 -11.10 -21.99
N ASN A 266 0.36 -10.58 -21.85
CA ASN A 266 1.37 -11.21 -21.03
C ASN A 266 1.09 -10.96 -19.55
N THR A 267 1.60 -11.86 -18.73
CA THR A 267 1.46 -11.69 -17.28
C THR A 267 2.78 -11.19 -16.72
N MET A 268 2.73 -9.97 -16.17
CA MET A 268 3.83 -9.33 -15.45
C MET A 268 4.31 -10.20 -14.28
N LYS A 269 5.62 -10.55 -14.28
CA LYS A 269 6.18 -11.35 -13.20
C LYS A 269 6.47 -10.49 -11.98
N LEU A 270 5.95 -10.90 -10.83
CA LEU A 270 6.12 -10.15 -9.59
C LEU A 270 7.49 -10.46 -8.98
N MET A 271 8.29 -9.43 -8.76
CA MET A 271 9.57 -9.53 -8.09
C MET A 271 9.49 -8.72 -6.80
N VAL A 272 9.20 -9.38 -5.68
CA VAL A 272 8.88 -8.72 -4.43
C VAL A 272 9.99 -9.01 -3.44
N SER A 273 10.03 -8.24 -2.36
CA SER A 273 11.24 -8.25 -1.54
C SER A 273 10.95 -7.84 -0.11
N GLN A 274 11.74 -8.39 0.82
CA GLN A 274 11.65 -8.06 2.23
C GLN A 274 13.03 -7.71 2.77
N ASN A 275 13.00 -7.00 3.89
CA ASN A 275 14.19 -6.47 4.54
C ASN A 275 14.65 -7.48 5.60
N ALA A 276 15.85 -8.04 5.41
CA ALA A 276 16.42 -8.92 6.45
C ALA A 276 16.61 -8.16 7.75
N PRO A 277 16.37 -8.80 8.91
CA PRO A 277 16.07 -10.23 9.09
C PRO A 277 14.59 -10.55 9.20
N PHE A 278 13.72 -9.58 8.89
CA PHE A 278 12.26 -9.78 8.91
C PHE A 278 11.82 -10.29 7.55
N VAL A 279 11.89 -11.60 7.35
CA VAL A 279 11.61 -12.16 6.03
C VAL A 279 10.65 -13.34 6.09
N PRO A 280 9.53 -13.25 6.82
CA PRO A 280 8.65 -14.44 6.93
C PRO A 280 7.98 -14.83 5.62
N MET A 281 7.47 -13.86 4.86
CA MET A 281 6.82 -14.22 3.60
C MET A 281 7.83 -14.77 2.61
N TYR A 282 9.04 -14.24 2.60
CA TYR A 282 10.10 -14.79 1.77
C TYR A 282 10.41 -16.22 2.16
N ASP A 283 10.48 -16.51 3.46
CA ASP A 283 10.80 -17.86 3.90
C ASP A 283 9.71 -18.83 3.48
N ALA A 284 8.44 -18.45 3.66
CA ALA A 284 7.37 -19.34 3.26
C ALA A 284 7.40 -19.55 1.75
N TRP A 285 7.62 -18.49 0.97
CA TRP A 285 7.64 -18.66 -0.47
C TRP A 285 8.79 -19.55 -0.91
N GLN A 286 9.98 -19.36 -0.32
CA GLN A 286 11.08 -20.25 -0.64
C GLN A 286 10.74 -21.70 -0.36
N ALA A 287 9.92 -21.95 0.67
CA ALA A 287 9.47 -23.30 0.95
C ALA A 287 8.40 -23.79 -0.01
N GLY A 288 7.91 -22.94 -0.91
CA GLY A 288 6.77 -23.32 -1.72
C GLY A 288 5.49 -23.55 -0.93
N SER A 289 5.41 -23.00 0.28
CA SER A 289 4.32 -23.27 1.21
C SER A 289 3.37 -22.08 1.36
N ARG A 290 2.06 -22.37 1.35
CA ARG A 290 1.06 -21.36 1.66
C ARG A 290 1.04 -20.98 3.14
N LYS A 291 1.70 -21.73 4.00
CA LYS A 291 1.67 -21.51 5.43
C LYS A 291 2.88 -20.72 5.87
N MET A 292 2.66 -19.73 6.73
CA MET A 292 3.78 -19.01 7.34
C MET A 292 4.47 -19.88 8.37
N LEU A 293 5.78 -20.02 8.28
CA LEU A 293 6.53 -20.75 9.27
C LEU A 293 6.34 -20.12 10.66
N ALA A 294 6.75 -20.85 11.70
CA ALA A 294 6.57 -20.40 13.07
C ALA A 294 7.52 -19.27 13.39
N TYR A 295 6.98 -18.19 13.97
CA TYR A 295 7.71 -16.93 14.18
C TYR A 295 7.42 -16.46 15.61
N GLU A 296 8.30 -16.81 16.55
CA GLU A 296 8.10 -16.45 17.94
C GLU A 296 7.97 -14.93 18.09
N ASP A 297 6.97 -14.50 18.86
CA ASP A 297 6.53 -13.10 18.81
C ASP A 297 7.63 -12.14 19.24
N ASP A 298 8.36 -12.49 20.30
CA ASP A 298 9.46 -11.63 20.75
C ASP A 298 10.53 -11.49 19.65
N LYS A 299 10.88 -12.59 18.99
CA LYS A 299 11.90 -12.53 17.95
C LYS A 299 11.46 -11.61 16.81
N ALA A 300 10.19 -11.74 16.40
CA ALA A 300 9.65 -10.92 15.32
C ALA A 300 9.71 -9.43 15.68
N ARG A 301 9.35 -9.09 16.93
CA ARG A 301 9.44 -7.70 17.34
C ARG A 301 10.88 -7.20 17.33
N ARG A 302 11.83 -8.06 17.68
CA ARG A 302 13.22 -7.66 17.58
C ARG A 302 13.61 -7.47 16.11
N ASP A 303 13.31 -8.45 15.27
CA ASP A 303 13.58 -8.32 13.84
C ASP A 303 12.93 -7.08 13.27
N ALA A 304 11.74 -6.72 13.76
CA ALA A 304 11.11 -5.50 13.28
C ALA A 304 11.89 -4.26 13.68
N GLU A 305 12.56 -4.30 14.84
CA GLU A 305 13.35 -3.15 15.25
C GLU A 305 14.65 -3.06 14.47
N ILE A 306 15.17 -4.20 14.02
CA ILE A 306 16.47 -4.25 13.37
C ILE A 306 16.41 -3.64 11.97
N ILE A 307 15.33 -3.89 11.24
CA ILE A 307 15.32 -3.52 9.81
C ILE A 307 15.15 -2.01 9.65
N ASP A 308 15.72 -1.49 8.56
CA ASP A 308 15.58 -0.06 8.29
C ASP A 308 14.19 0.28 7.76
N ALA A 309 13.57 -0.64 7.05
CA ALA A 309 12.34 -0.35 6.33
C ALA A 309 11.19 -0.71 7.25
N LYS A 310 10.81 0.21 8.13
CA LYS A 310 9.86 -0.12 9.18
C LYS A 310 8.48 -0.50 8.65
N VAL A 311 8.09 -0.06 7.44
CA VAL A 311 6.80 -0.51 6.93
C VAL A 311 6.80 -1.95 6.47
N LEU A 312 7.94 -2.62 6.43
CA LEU A 312 8.01 -3.98 5.87
C LEU A 312 7.70 -5.08 6.87
N SER A 313 7.43 -4.75 8.14
CA SER A 313 7.38 -5.71 9.23
C SER A 313 5.93 -6.00 9.62
N ASN A 314 5.31 -6.95 8.92
CA ASN A 314 3.93 -7.36 9.20
C ASN A 314 3.92 -8.83 9.59
N ARG A 315 3.53 -9.12 10.84
CA ARG A 315 3.51 -10.52 11.28
C ARG A 315 2.33 -11.29 10.71
N ARG A 316 1.22 -10.64 10.36
CA ARG A 316 0.01 -11.33 9.91
C ARG A 316 -0.45 -10.79 8.55
N PRO A 317 0.34 -11.02 7.51
CA PRO A 317 0.04 -10.41 6.20
C PRO A 317 -0.93 -11.25 5.39
N PRO A 318 -1.55 -10.68 4.35
CA PRO A 318 -2.45 -11.47 3.49
C PRO A 318 -1.67 -12.37 2.56
N TYR A 319 -0.91 -13.28 3.16
CA TYR A 319 -0.07 -14.20 2.40
C TYR A 319 -0.86 -15.40 1.90
N GLY A 320 -1.50 -16.13 2.81
CA GLY A 320 -2.09 -17.39 2.47
C GLY A 320 -3.56 -17.27 2.16
N ILE A 321 -4.17 -16.13 2.48
CA ILE A 321 -5.59 -16.00 2.23
C ILE A 321 -5.84 -16.17 0.74
N THR A 322 -6.98 -16.77 0.40
CA THR A 322 -7.25 -17.01 -1.01
C THR A 322 -7.33 -15.70 -1.77
N GLY A 323 -6.57 -15.61 -2.86
CA GLY A 323 -6.41 -14.37 -3.57
C GLY A 323 -5.27 -13.51 -3.08
N GLY A 324 -4.56 -13.96 -2.03
CA GLY A 324 -3.47 -13.20 -1.45
C GLY A 324 -2.16 -13.42 -2.16
N LEU A 325 -1.07 -13.16 -1.43
CA LEU A 325 0.24 -13.01 -2.07
C LEU A 325 0.75 -14.33 -2.61
N TYR A 326 0.63 -15.42 -1.84
CA TYR A 326 1.02 -16.73 -2.34
C TYR A 326 0.33 -17.02 -3.67
N ASP A 327 -1.00 -16.83 -3.72
CA ASP A 327 -1.72 -17.07 -4.96
C ASP A 327 -1.21 -16.17 -6.08
N ALA A 328 -0.84 -14.92 -5.76
CA ALA A 328 -0.41 -14.00 -6.81
C ALA A 328 1.00 -14.36 -7.30
N LEU A 329 1.86 -14.81 -6.39
CA LEU A 329 3.17 -15.26 -6.82
C LEU A 329 3.06 -16.49 -7.71
N LYS A 330 2.22 -17.45 -7.31
CA LYS A 330 2.03 -18.66 -8.11
C LYS A 330 1.50 -18.31 -9.48
N ALA A 331 0.51 -17.41 -9.55
CA ALA A 331 -0.14 -17.09 -10.81
C ALA A 331 0.77 -16.33 -11.75
N THR A 332 1.68 -15.53 -11.22
CA THR A 332 2.56 -14.75 -12.05
C THR A 332 3.92 -15.39 -12.21
N GLY A 333 4.12 -16.59 -11.67
CA GLY A 333 5.45 -17.17 -11.60
C GLY A 333 6.45 -16.23 -10.97
N GLY A 334 6.07 -15.59 -9.84
CA GLY A 334 6.88 -14.52 -9.30
C GLY A 334 8.03 -15.02 -8.44
N GLU A 335 8.91 -14.10 -8.08
CA GLU A 335 10.08 -14.43 -7.28
C GLU A 335 10.13 -13.54 -6.05
N PHE A 336 10.82 -14.03 -5.03
CA PHE A 336 10.93 -13.35 -3.75
C PHE A 336 12.39 -13.14 -3.40
N PHE A 337 12.74 -11.92 -3.04
CA PHE A 337 14.11 -11.55 -2.74
C PHE A 337 14.23 -10.96 -1.34
N VAL A 338 15.46 -10.98 -0.82
CA VAL A 338 15.80 -10.40 0.46
C VAL A 338 16.82 -9.29 0.24
N ALA A 339 16.72 -8.23 1.03
CA ALA A 339 17.72 -7.18 1.00
C ALA A 339 18.17 -6.85 2.43
N THR A 340 19.49 -6.75 2.64
CA THR A 340 20.00 -6.32 3.93
C THR A 340 19.86 -4.82 4.08
N ASN A 341 19.82 -4.36 5.34
CA ASN A 341 19.89 -2.93 5.62
C ASN A 341 21.00 -2.28 4.79
N ALA A 342 22.17 -2.93 4.76
CA ALA A 342 23.30 -2.41 4.00
C ALA A 342 22.98 -2.25 2.52
N MET A 343 22.43 -3.29 1.90
CA MET A 343 22.01 -3.19 0.51
C MET A 343 21.02 -2.05 0.32
N ALA A 344 20.04 -1.97 1.23
CA ALA A 344 19.03 -0.93 1.12
C ALA A 344 19.64 0.46 1.18
N ARG A 345 20.58 0.68 2.12
CA ARG A 345 21.21 2.00 2.25
C ARG A 345 21.97 2.36 0.98
N LYS A 346 22.76 1.42 0.46
CA LYS A 346 23.40 1.64 -0.83
C LYS A 346 22.35 1.98 -1.90
N ALA A 347 21.23 1.23 -1.92
CA ALA A 347 20.24 1.46 -2.96
C ALA A 347 19.70 2.89 -2.90
N ARG A 348 19.48 3.39 -1.69
CA ARG A 348 18.99 4.76 -1.54
C ARG A 348 19.99 5.78 -2.09
N LYS A 349 21.27 5.60 -1.74
CA LYS A 349 22.28 6.50 -2.28
C LYS A 349 22.29 6.43 -3.80
N LEU A 350 22.29 5.21 -4.33
CA LEU A 350 22.25 5.01 -5.78
C LEU A 350 21.10 5.79 -6.43
N PHE A 351 19.89 5.61 -5.92
CA PHE A 351 18.75 6.26 -6.54
C PHE A 351 18.88 7.78 -6.45
N LYS A 352 19.23 8.30 -5.28
CA LYS A 352 19.42 9.73 -5.17
C LYS A 352 20.47 10.20 -6.17
N GLU A 353 21.57 9.45 -6.28
CA GLU A 353 22.66 9.88 -7.14
C GLU A 353 22.23 9.91 -8.61
N LEU A 354 21.45 8.92 -9.05
CA LEU A 354 21.20 8.73 -10.48
C LEU A 354 19.84 9.24 -10.94
N GLU A 355 18.87 9.35 -10.05
CA GLU A 355 17.54 9.80 -10.42
C GLU A 355 17.15 11.09 -9.72
N GLY A 356 17.94 11.54 -8.74
CA GLY A 356 17.85 12.90 -8.24
C GLY A 356 16.84 13.17 -7.14
N VAL A 357 16.40 12.15 -6.41
CA VAL A 357 15.52 12.39 -5.28
C VAL A 357 15.77 11.29 -4.27
N ASP A 358 15.55 11.60 -3.00
CA ASP A 358 15.67 10.61 -1.94
C ASP A 358 14.44 9.70 -1.91
N ILE A 359 14.64 8.47 -1.43
CA ILE A 359 13.57 7.49 -1.36
C ILE A 359 13.62 6.80 0.00
N TYR A 360 12.50 6.23 0.39
CA TYR A 360 12.40 5.51 1.64
C TYR A 360 13.24 4.25 1.62
N SER A 361 13.58 3.78 2.81
CA SER A 361 14.29 2.51 2.94
C SER A 361 13.57 1.40 2.19
N ALA A 362 12.25 1.36 2.35
CA ALA A 362 11.45 0.32 1.70
C ALA A 362 11.68 0.32 0.19
N SER A 363 11.53 1.49 -0.44
CA SER A 363 11.85 1.56 -1.85
C SER A 363 13.27 1.09 -2.12
N GLY A 364 14.19 1.38 -1.20
CA GLY A 364 15.56 0.95 -1.40
C GLY A 364 15.71 -0.56 -1.36
N VAL A 365 14.85 -1.23 -0.60
CA VAL A 365 14.84 -2.68 -0.61
C VAL A 365 14.47 -3.19 -2.00
N ALA A 366 13.41 -2.62 -2.60
CA ALA A 366 13.05 -3.01 -3.96
C ALA A 366 14.18 -2.71 -4.94
N LEU A 367 14.73 -1.50 -4.88
CA LEU A 367 15.86 -1.18 -5.74
C LEU A 367 16.98 -2.20 -5.55
N ALA A 368 17.32 -2.53 -4.30
CA ALA A 368 18.33 -3.55 -4.05
C ALA A 368 17.97 -4.88 -4.72
N SER A 369 16.69 -5.30 -4.60
CA SER A 369 16.17 -6.44 -5.36
C SER A 369 16.64 -6.39 -6.79
N LEU A 370 16.32 -5.28 -7.44
CA LEU A 370 16.61 -5.13 -8.86
C LEU A 370 18.09 -5.29 -9.12
N VAL A 371 18.92 -4.57 -8.35
CA VAL A 371 20.35 -4.65 -8.56
C VAL A 371 20.84 -6.08 -8.44
N ASN A 372 20.38 -6.80 -7.41
CA ASN A 372 20.83 -8.18 -7.21
C ASN A 372 20.28 -9.10 -8.29
N ALA A 373 19.03 -8.88 -8.70
CA ALA A 373 18.46 -9.73 -9.74
C ALA A 373 19.24 -9.56 -11.03
N VAL A 374 19.53 -8.31 -11.40
CA VAL A 374 20.30 -8.07 -12.60
C VAL A 374 21.67 -8.71 -12.50
N ALA A 375 22.34 -8.51 -11.36
CA ALA A 375 23.68 -9.05 -11.20
C ALA A 375 23.70 -10.57 -11.29
N ALA A 376 22.60 -11.22 -10.95
CA ALA A 376 22.49 -12.67 -11.04
C ALA A 376 22.10 -13.15 -12.42
N GLY A 377 21.92 -12.24 -13.37
CA GLY A 377 21.56 -12.62 -14.71
C GLY A 377 20.13 -13.05 -14.87
N LYS A 378 19.23 -12.57 -14.01
CA LYS A 378 17.83 -12.94 -14.11
C LYS A 378 17.03 -12.07 -15.07
N ILE A 379 17.55 -10.91 -15.45
CA ILE A 379 16.78 -9.93 -16.22
C ILE A 379 17.41 -9.73 -17.60
N GLU A 380 16.68 -10.13 -18.63
CA GLU A 380 17.05 -9.76 -19.98
C GLU A 380 17.21 -8.25 -20.07
N LYS A 381 18.24 -7.80 -20.78
CA LYS A 381 18.52 -6.37 -20.84
C LYS A 381 17.46 -5.60 -21.62
N ASP A 382 16.72 -6.27 -22.50
CA ASP A 382 15.61 -5.61 -23.17
C ASP A 382 14.27 -5.81 -22.44
N ALA A 383 14.24 -6.60 -21.37
CA ALA A 383 13.03 -6.78 -20.59
C ALA A 383 12.42 -5.45 -20.16
N VAL A 384 11.09 -5.37 -20.21
CA VAL A 384 10.39 -4.19 -19.72
C VAL A 384 10.20 -4.34 -18.21
N VAL A 385 10.87 -3.48 -17.46
CA VAL A 385 10.91 -3.58 -16.00
C VAL A 385 10.23 -2.37 -15.39
N MET A 386 9.27 -2.62 -14.53
CA MET A 386 8.63 -1.58 -13.74
C MET A 386 9.22 -1.66 -12.33
N LEU A 387 10.00 -0.65 -11.95
CA LEU A 387 10.39 -0.48 -10.57
C LEU A 387 9.39 0.45 -9.92
N ASN A 388 8.70 -0.06 -8.91
CA ASN A 388 7.69 0.71 -8.19
C ASN A 388 8.36 1.35 -6.98
N ILE A 389 8.74 2.61 -7.10
CA ILE A 389 9.27 3.36 -5.97
C ILE A 389 8.07 3.76 -5.12
N THR A 390 7.83 3.00 -4.07
CA THR A 390 6.61 3.20 -3.31
C THR A 390 6.65 4.41 -2.40
N GLY A 391 7.81 5.05 -2.21
CA GLY A 391 7.87 6.23 -1.39
C GLY A 391 9.12 7.06 -1.62
N GLY A 392 8.98 8.37 -1.74
CA GLY A 392 10.13 9.21 -1.98
C GLY A 392 9.84 10.66 -1.68
N GLY A 393 10.93 11.42 -1.54
CA GLY A 393 10.84 12.85 -1.43
C GLY A 393 10.62 13.39 -0.04
N GLU A 394 10.76 12.56 1.00
CA GLU A 394 10.55 13.03 2.36
C GLU A 394 11.54 14.12 2.75
N GLU A 395 12.84 13.85 2.61
CA GLU A 395 13.84 14.88 2.89
C GLU A 395 13.49 16.09 2.05
N HIS A 396 13.60 15.91 0.74
CA HIS A 396 13.16 16.87 -0.26
C HIS A 396 11.96 17.69 0.23
N PHE A 397 10.97 16.99 0.78
CA PHE A 397 9.74 17.69 1.11
C PHE A 397 9.87 18.44 2.45
N LYS A 398 10.34 17.78 3.50
CA LYS A 398 10.47 18.50 4.77
C LYS A 398 11.41 19.69 4.66
N GLU A 399 12.14 19.85 3.56
CA GLU A 399 13.20 20.86 3.52
C GLU A 399 12.65 22.24 3.83
N ASP A 400 13.17 22.85 4.90
CA ASP A 400 12.69 24.15 5.32
C ASP A 400 11.19 24.13 5.53
N LYS A 401 10.73 23.10 6.25
CA LYS A 401 9.33 22.98 6.65
C LYS A 401 9.24 22.85 8.16
N GLU A 402 8.39 23.69 8.75
CA GLU A 402 7.92 23.48 10.11
C GLU A 402 6.91 22.34 10.07
N LEU A 403 7.20 21.25 10.75
CA LEU A 403 6.33 20.09 10.71
C LEU A 403 5.53 19.98 12.00
N TRP A 404 4.35 19.40 11.89
CA TRP A 404 3.45 19.19 13.02
C TRP A 404 3.21 17.69 13.16
N TYR A 405 3.30 17.17 14.38
CA TYR A 405 3.24 15.72 14.62
C TYR A 405 1.96 15.33 15.35
N LEU A 406 1.32 14.28 14.84
CA LEU A 406 0.18 13.67 15.49
C LEU A 406 0.70 12.77 16.59
N LYS A 407 0.25 13.00 17.82
CA LYS A 407 0.71 12.24 18.96
C LYS A 407 -0.47 11.49 19.57
N PRO A 408 -0.23 10.36 20.22
CA PRO A 408 -1.34 9.52 20.68
C PRO A 408 -2.01 10.11 21.91
N SER A 409 -3.34 10.04 21.94
CA SER A 409 -4.09 10.37 23.14
C SER A 409 -3.96 9.30 24.21
N HIS A 410 -3.65 8.07 23.81
CA HIS A 410 -3.53 6.95 24.71
C HIS A 410 -2.45 6.01 24.20
N VAL A 411 -1.71 5.41 25.13
CA VAL A 411 -0.73 4.39 24.80
C VAL A 411 -1.07 3.15 25.60
N PHE A 412 -1.23 2.04 24.92
CA PHE A 412 -1.75 0.92 25.65
C PHE A 412 -0.69 -0.17 25.77
N PRO A 413 -0.83 -1.05 26.75
CA PRO A 413 0.03 -2.22 26.83
C PRO A 413 -0.34 -3.23 25.75
N LEU A 414 0.61 -4.13 25.47
CA LEU A 414 0.49 -5.02 24.31
C LEU A 414 -0.77 -5.88 24.36
N GLU A 415 -1.17 -6.36 25.53
CA GLU A 415 -2.49 -6.95 25.63
C GLU A 415 -3.33 -6.08 26.55
N PRO A 416 -4.02 -5.08 25.99
CA PRO A 416 -4.86 -4.21 26.83
C PRO A 416 -6.12 -4.91 27.29
N ASP A 417 -6.83 -4.24 28.20
CA ASP A 417 -8.14 -4.71 28.63
C ASP A 417 -9.21 -4.16 27.69
N THR A 418 -10.08 -5.04 27.19
CA THR A 418 -11.09 -4.60 26.22
C THR A 418 -11.90 -3.43 26.76
N ASP A 419 -12.37 -3.52 27.99
CA ASP A 419 -13.17 -2.45 28.56
C ASP A 419 -12.46 -1.12 28.50
N ASP A 420 -11.19 -1.08 28.91
CA ASP A 420 -10.45 0.18 28.93
C ASP A 420 -10.34 0.78 27.53
N VAL A 421 -9.90 -0.01 26.56
CA VAL A 421 -9.74 0.50 25.19
C VAL A 421 -11.08 1.02 24.67
N VAL A 422 -12.14 0.23 24.81
CA VAL A 422 -13.42 0.62 24.24
C VAL A 422 -13.90 1.92 24.87
N ALA A 423 -13.88 1.99 26.21
CA ALA A 423 -14.39 3.18 26.87
C ALA A 423 -13.54 4.40 26.52
N LYS A 424 -12.24 4.22 26.26
CA LYS A 424 -11.41 5.37 25.95
C LYS A 424 -11.61 5.84 24.51
N VAL A 425 -11.70 4.92 23.54
CA VAL A 425 -11.90 5.39 22.17
C VAL A 425 -13.30 5.97 22.03
N GLU A 426 -14.27 5.37 22.71
CA GLU A 426 -15.59 6.00 22.79
C GLU A 426 -15.48 7.44 23.30
N ALA A 427 -14.80 7.62 24.43
CA ALA A 427 -14.62 8.98 24.96
C ALA A 427 -13.96 9.88 23.94
N LEU A 428 -13.02 9.33 23.16
CA LEU A 428 -12.25 10.13 22.22
C LEU A 428 -13.13 10.90 21.25
N PHE A 429 -14.24 10.30 20.81
CA PHE A 429 -15.07 10.90 19.77
C PHE A 429 -16.42 11.40 20.29
N ALA A 430 -16.63 11.39 21.60
CA ALA A 430 -17.83 12.00 22.21
C ALA A 430 -17.47 13.29 22.90
C1 CIT B . 2.55 -3.53 6.95
O1 CIT B . 1.71 -4.19 6.31
O2 CIT B . 3.64 -4.09 7.23
C2 CIT B . 2.30 -2.09 7.41
C3 CIT B . 1.52 -1.20 6.44
O7 CIT B . 0.23 -1.70 6.27
C4 CIT B . 2.23 -1.08 5.09
C5 CIT B . 1.98 -2.28 4.18
O3 CIT B . 0.85 -2.55 3.74
O4 CIT B . 2.93 -3.01 3.85
C6 CIT B . 1.37 0.19 7.07
O5 CIT B . 0.62 0.30 8.06
O6 CIT B . 1.96 1.22 6.66
H21 CIT B . 3.15 -1.66 7.58
H22 CIT B . 1.80 -2.12 8.24
HO7 CIT B . -0.08 -1.92 7.04
H41 CIT B . 3.18 -1.01 5.26
H42 CIT B . 1.92 -0.30 4.63
N1 PLP C . 7.21 0.69 0.78
C2 PLP C . 6.50 1.77 1.15
C2A PLP C . 7.10 3.17 1.04
C3 PLP C . 5.22 1.59 1.64
O3 PLP C . 4.48 2.70 2.04
C4 PLP C . 4.67 0.34 1.74
C4A PLP C . 3.25 0.13 2.26
O4A PLP C . 2.59 1.06 2.60
C5 PLP C . 5.40 -0.74 1.38
C6 PLP C . 6.69 -0.57 0.89
C5A PLP C . 4.77 -2.14 1.47
O4P PLP C . 3.81 -2.25 0.44
P PLP C . 2.56 -3.29 0.59
O1P PLP C . 1.41 -2.58 1.29
O2P PLP C . 2.10 -3.73 -0.77
O3P PLP C . 3.01 -4.48 1.40
H2A1 PLP C . 7.98 3.12 0.63
H2A2 PLP C . 7.18 3.56 1.93
H2A3 PLP C . 6.52 3.73 0.50
HO3 PLP C . 4.04 3.00 1.38
H4A PLP C . 2.90 -0.73 2.32
H6 PLP C . 7.19 -1.30 0.63
H5A1 PLP C . 5.46 -2.81 1.34
H5A2 PLP C . 4.36 -2.26 2.33
#